data_6F5K
#
_entry.id   6F5K
#
_cell.length_a   67.449
_cell.length_b   128.426
_cell.length_c   163.624
_cell.angle_alpha   90.000
_cell.angle_beta   90.000
_cell.angle_gamma   90.000
#
_symmetry.space_group_name_H-M   'C 2 2 21'
#
loop_
_entity.id
_entity.type
_entity.pdbx_description
1 polymer 'Extracellular laccase, lcc1'
2 branched alpha-D-mannopyranose-(1-3)-alpha-D-mannopyranose-(1-6)-beta-D-mannopyranose-(1-4)-2-acetamido-2-deoxy-beta-D-glucopyranose-(1-4)-2-acetamido-2-deoxy-beta-D-glucopyranose
3 branched 2-acetamido-2-deoxy-beta-D-glucopyranose-(1-4)-2-acetamido-2-deoxy-beta-D-glucopyranose
4 branched alpha-D-mannopyranose-(1-2)-alpha-D-mannopyranose-(1-2)-alpha-D-mannopyranose-(1-3)-beta-D-mannopyranose-(1-4)-2-acetamido-2-deoxy-beta-D-glucopyranose-(1-4)-2-acetamido-2-deoxy-beta-D-glucopyranose
5 branched beta-D-mannopyranose-(1-4)-2-acetamido-2-deoxy-beta-D-glucopyranose-(1-4)-2-acetamido-2-deoxy-beta-D-glucopyranose
6 non-polymer 'COPPER (II) ION'
7 non-polymer 'CALCIUM ION'
8 non-polymer 2-acetamido-2-deoxy-beta-D-glucopyranose
9 non-polymer 'NONAETHYLENE GLYCOL'
10 non-polymer 'HYDROXIDE ION'
11 water water
#
_entity_poly.entity_id   1
_entity_poly.type   'polypeptide(L)'
_entity_poly.pdbx_seq_one_letter_code
;QQSCNTPSNRACWTDGYDINTDYEVDSPDTGVVRPYTLTLTEVDNWTGPDGVVKEKVMLVNNSIIGPTIFADWGDTIQVT
VINNLETNGTSIHWHGL(OHI)QKGTNLHDGANGITECPIPPKGGRKVYRFKAQQYGTSWYHSHFSAQYGNGVVGAIQIN
GPASLPYDTDLGVFPISDYYYSSADELVELTKNSGAPFSDNVLFNGTAKHPETGEGEYANVTLTPGRRHRLRLINTSVEN
HFQVSLVNHTMTIIAADMVPVNAMTVDSLFLGVGQRYDVVIEASRTPGNYWFNVTFGGGLLCGGSRNPYPAAIFHYAGAP
GGPPTDEGKAPVDHNCLDLPNLKPVVARDVPLSGFAKRPDNTLDVTLDTTGTPLFVWKVNGSAINIDWGRPVVDYVLTQN
TSFPPGYNIVEVNGADQWSYWLIENDPGAPFTLPHPMHLHGHDFYVLGRSPDESPASNERHVFDPARDAGLLSGANPVRR
DVTMLPAFGWVVLAFRADNPGAWLFHCHIAWHVSGGLGVVYLERADDLRGAVSDADADDLDRLCADWRRYWPTNPYPKSD
SGL
;
_entity_poly.pdbx_strand_id   A
#
# COMPACT_ATOMS: atom_id res chain seq x y z
N GLN A 2 15.10 -6.71 -28.31
CA GLN A 2 14.53 -5.46 -28.81
C GLN A 2 13.06 -5.35 -28.43
N SER A 3 12.63 -4.13 -28.10
CA SER A 3 11.27 -3.90 -27.63
C SER A 3 10.27 -3.87 -28.76
N CYS A 4 9.08 -4.42 -28.51
CA CYS A 4 7.93 -4.31 -29.40
C CYS A 4 6.80 -3.51 -28.76
N ASN A 5 7.07 -2.82 -27.66
CA ASN A 5 6.07 -2.07 -26.92
C ASN A 5 5.94 -0.69 -27.55
N THR A 6 4.79 -0.40 -28.13
CA THR A 6 4.54 0.86 -28.82
C THR A 6 3.20 1.41 -28.41
N PRO A 7 2.92 2.67 -28.76
CA PRO A 7 1.59 3.23 -28.45
C PRO A 7 0.44 2.39 -28.97
N SER A 8 0.55 1.81 -30.17
CA SER A 8 -0.53 1.04 -30.74
C SER A 8 -0.52 -0.42 -30.29
N ASN A 9 0.59 -0.89 -29.73
CA ASN A 9 0.69 -2.26 -29.24
C ASN A 9 1.43 -2.23 -27.89
N ARG A 10 0.70 -1.87 -26.83
CA ARG A 10 1.26 -1.90 -25.50
C ARG A 10 1.22 -3.31 -24.91
N ALA A 11 0.50 -4.24 -25.53
CA ALA A 11 0.46 -5.60 -25.03
C ALA A 11 1.80 -6.30 -25.17
N CYS A 12 2.59 -5.93 -26.19
CA CYS A 12 3.87 -6.57 -26.47
C CYS A 12 4.96 -5.93 -25.62
N TRP A 13 5.91 -6.75 -25.17
CA TRP A 13 7.08 -6.22 -24.46
C TRP A 13 8.35 -6.53 -25.24
N THR A 14 8.75 -7.79 -25.37
CA THR A 14 9.88 -8.21 -26.17
CA THR A 14 9.81 -8.16 -26.29
C THR A 14 9.53 -9.58 -26.77
N ASP A 15 10.44 -10.14 -27.55
CA ASP A 15 10.22 -11.48 -28.06
CA ASP A 15 10.24 -11.49 -28.06
C ASP A 15 10.01 -12.44 -26.89
N GLY A 16 8.86 -13.10 -26.88
CA GLY A 16 8.54 -14.06 -25.84
C GLY A 16 7.88 -13.49 -24.61
N TYR A 17 7.73 -12.18 -24.50
CA TYR A 17 7.24 -11.54 -23.28
C TYR A 17 6.15 -10.54 -23.63
N ASP A 18 4.97 -10.73 -23.06
CA ASP A 18 3.87 -9.81 -23.33
C ASP A 18 2.91 -9.82 -22.14
N ILE A 19 1.78 -9.13 -22.32
CA ILE A 19 0.81 -8.94 -21.25
C ILE A 19 0.22 -10.26 -20.78
N ASN A 20 0.34 -11.31 -21.58
CA ASN A 20 -0.23 -12.61 -21.23
C ASN A 20 0.79 -13.53 -20.58
N THR A 21 2.06 -13.15 -20.57
CA THR A 21 3.09 -13.93 -19.88
C THR A 21 2.72 -14.07 -18.40
N ASP A 22 2.90 -15.26 -17.85
CA ASP A 22 2.70 -15.45 -16.41
C ASP A 22 3.93 -14.88 -15.71
N TYR A 23 3.83 -13.61 -15.30
CA TYR A 23 4.96 -12.90 -14.72
C TYR A 23 5.37 -13.46 -13.36
N GLU A 24 4.54 -14.28 -12.72
CA GLU A 24 4.96 -14.95 -11.49
C GLU A 24 5.86 -16.13 -11.76
N VAL A 25 5.98 -16.56 -13.02
CA VAL A 25 6.88 -17.61 -13.42
C VAL A 25 8.04 -17.08 -14.25
N ASP A 26 7.74 -16.15 -15.17
CA ASP A 26 8.67 -15.73 -16.21
C ASP A 26 8.85 -14.23 -16.14
N SER A 27 10.10 -13.78 -16.17
CA SER A 27 10.40 -12.37 -16.33
C SER A 27 11.58 -12.24 -17.28
N PRO A 28 11.65 -11.14 -18.02
CA PRO A 28 12.85 -10.95 -18.86
C PRO A 28 14.09 -10.96 -17.99
N ASP A 29 15.15 -11.54 -18.51
CA ASP A 29 16.44 -11.52 -17.82
C ASP A 29 17.25 -10.43 -18.51
N THR A 30 17.07 -9.19 -18.03
CA THR A 30 17.70 -8.05 -18.66
C THR A 30 19.18 -7.96 -18.35
N GLY A 31 19.63 -8.55 -17.25
CA GLY A 31 21.00 -8.36 -16.81
C GLY A 31 21.27 -6.97 -16.28
N VAL A 32 20.24 -6.15 -16.12
CA VAL A 32 20.41 -4.75 -15.76
C VAL A 32 20.19 -4.60 -14.27
N VAL A 33 21.03 -3.78 -13.64
CA VAL A 33 20.86 -3.36 -12.26
C VAL A 33 20.53 -1.88 -12.24
N ARG A 34 19.54 -1.52 -11.42
CA ARG A 34 19.13 -0.13 -11.23
C ARG A 34 19.49 0.31 -9.82
N PRO A 35 20.64 0.95 -9.62
CA PRO A 35 20.99 1.40 -8.28
C PRO A 35 20.41 2.77 -7.98
N TYR A 36 19.93 2.92 -6.75
CA TYR A 36 19.39 4.18 -6.24
C TYR A 36 19.95 4.39 -4.84
N THR A 37 20.12 5.64 -4.46
CA THR A 37 20.42 6.01 -3.07
C THR A 37 19.33 6.95 -2.59
N LEU A 38 18.74 6.63 -1.44
CA LEU A 38 17.72 7.46 -0.78
C LEU A 38 18.25 7.90 0.57
N THR A 39 18.11 9.20 0.88
CA THR A 39 18.61 9.77 2.12
CA THR A 39 18.60 9.76 2.14
C THR A 39 17.45 10.39 2.88
N LEU A 40 17.25 9.97 4.13
CA LEU A 40 16.22 10.52 4.98
CA LEU A 40 16.21 10.51 4.98
C LEU A 40 16.79 11.62 5.86
N THR A 41 16.04 12.71 5.97
CA THR A 41 16.40 13.82 6.85
C THR A 41 15.18 14.25 7.63
N GLU A 42 15.47 14.92 8.73
CA GLU A 42 14.49 15.43 9.68
C GLU A 42 14.54 16.94 9.59
N VAL A 43 13.40 17.60 9.40
CA VAL A 43 13.39 19.06 9.28
C VAL A 43 12.34 19.64 10.21
N ASP A 44 12.74 20.63 11.00
CA ASP A 44 11.82 21.34 11.89
C ASP A 44 11.35 22.63 11.23
N ASN A 45 10.11 23.02 11.55
CA ASN A 45 9.53 24.29 11.10
C ASN A 45 9.61 24.42 9.59
N TRP A 46 9.07 23.43 8.91
CA TRP A 46 9.12 23.32 7.47
C TRP A 46 7.85 23.89 6.87
N THR A 47 8.02 24.79 5.91
CA THR A 47 6.88 25.37 5.22
C THR A 47 6.38 24.38 4.17
N GLY A 48 5.17 23.87 4.38
CA GLY A 48 4.60 22.87 3.52
C GLY A 48 3.92 23.45 2.31
N PRO A 49 3.38 22.58 1.46
CA PRO A 49 2.88 23.05 0.14
C PRO A 49 1.60 23.88 0.20
N ASP A 50 0.84 23.85 1.30
CA ASP A 50 -0.33 24.72 1.40
C ASP A 50 -0.06 25.92 2.30
N GLY A 51 1.22 26.21 2.59
CA GLY A 51 1.60 27.40 3.32
C GLY A 51 1.73 27.23 4.81
N VAL A 52 1.12 26.20 5.39
CA VAL A 52 1.22 25.97 6.82
C VAL A 52 2.60 25.45 7.16
N VAL A 53 3.17 25.95 8.26
CA VAL A 53 4.47 25.51 8.73
C VAL A 53 4.26 24.31 9.63
N LYS A 54 4.90 23.18 9.30
CA LYS A 54 4.79 21.99 10.13
C LYS A 54 5.93 21.93 11.14
N GLU A 55 5.60 21.52 12.37
CA GLU A 55 6.60 21.41 13.43
C GLU A 55 7.75 20.51 13.01
N LYS A 56 7.44 19.36 12.41
CA LYS A 56 8.50 18.44 12.04
C LYS A 56 8.02 17.55 10.90
N VAL A 57 8.90 17.37 9.91
CA VAL A 57 8.68 16.44 8.83
C VAL A 57 9.93 15.56 8.70
N MET A 58 9.76 14.43 8.02
CA MET A 58 10.83 13.48 7.77
C MET A 58 10.77 13.19 6.29
N LEU A 59 11.83 13.53 5.57
CA LEU A 59 11.81 13.65 4.12
C LEU A 59 12.76 12.64 3.47
N VAL A 60 12.41 12.21 2.26
CA VAL A 60 13.29 11.43 1.40
C VAL A 60 13.84 12.37 0.34
N ASN A 61 15.15 12.53 0.32
CA ASN A 61 15.80 13.46 -0.60
C ASN A 61 15.12 14.84 -0.60
N ASN A 62 14.87 15.34 0.61
CA ASN A 62 14.40 16.71 0.82
CA ASN A 62 14.39 16.70 0.85
C ASN A 62 13.00 16.97 0.30
N SER A 63 12.16 15.93 0.17
CA SER A 63 10.77 16.11 -0.26
C SER A 63 9.87 15.20 0.56
N ILE A 64 8.58 15.55 0.65
CA ILE A 64 7.63 14.64 1.28
C ILE A 64 7.15 13.57 0.31
N ILE A 65 7.55 13.66 -0.96
CA ILE A 65 7.49 12.52 -1.88
C ILE A 65 8.90 12.30 -2.39
N GLY A 66 9.43 11.13 -2.11
CA GLY A 66 10.77 10.82 -2.50
C GLY A 66 10.90 10.56 -3.99
N PRO A 67 12.13 10.35 -4.42
CA PRO A 67 12.39 10.00 -5.81
C PRO A 67 11.68 8.71 -6.21
N THR A 68 11.20 8.67 -7.46
CA THR A 68 10.56 7.45 -7.97
C THR A 68 11.61 6.40 -8.32
N ILE A 69 11.39 5.17 -7.88
CA ILE A 69 12.22 4.04 -8.28
C ILE A 69 11.74 3.58 -9.66
N PHE A 70 12.51 3.90 -10.70
CA PHE A 70 12.22 3.45 -12.05
C PHE A 70 12.99 2.18 -12.38
N ALA A 71 12.32 1.23 -13.02
CA ALA A 71 12.98 0.05 -13.57
C ALA A 71 12.13 -0.51 -14.70
N ASP A 72 12.72 -1.46 -15.42
CA ASP A 72 12.03 -2.29 -16.38
C ASP A 72 11.80 -3.68 -15.79
N TRP A 73 10.71 -4.30 -16.23
CA TRP A 73 10.43 -5.70 -15.95
C TRP A 73 11.67 -6.55 -16.19
N GLY A 74 12.08 -7.29 -15.17
CA GLY A 74 13.23 -8.15 -15.25
C GLY A 74 14.50 -7.58 -14.68
N ASP A 75 14.56 -6.26 -14.44
CA ASP A 75 15.73 -5.65 -13.85
C ASP A 75 15.91 -6.07 -12.39
N THR A 76 17.13 -5.91 -11.89
CA THR A 76 17.42 -5.97 -10.47
C THR A 76 17.46 -4.54 -9.96
N ILE A 77 16.82 -4.31 -8.81
CA ILE A 77 16.76 -3.00 -8.17
C ILE A 77 17.60 -3.05 -6.91
N GLN A 78 18.43 -2.04 -6.70
CA GLN A 78 19.32 -2.00 -5.55
C GLN A 78 19.24 -0.61 -4.94
N VAL A 79 18.64 -0.49 -3.76
CA VAL A 79 18.40 0.81 -3.13
C VAL A 79 19.21 0.89 -1.84
N THR A 80 20.19 1.79 -1.81
CA THR A 80 20.91 2.13 -0.60
C THR A 80 20.08 3.16 0.14
N VAL A 81 19.73 2.87 1.40
CA VAL A 81 18.97 3.79 2.24
C VAL A 81 19.88 4.32 3.33
N ILE A 82 20.01 5.64 3.40
CA ILE A 82 20.83 6.31 4.41
C ILE A 82 19.90 7.03 5.37
N ASN A 83 19.95 6.64 6.64
CA ASN A 83 19.07 7.21 7.65
C ASN A 83 19.80 8.33 8.39
N ASN A 84 19.56 9.57 7.95
CA ASN A 84 20.11 10.74 8.62
C ASN A 84 19.09 11.45 9.50
N LEU A 85 18.06 10.73 9.94
CA LEU A 85 17.18 11.23 10.98
C LEU A 85 17.96 11.39 12.30
N GLU A 86 17.33 12.09 13.25
CA GLU A 86 18.01 12.41 14.50
CA GLU A 86 18.00 12.42 14.50
C GLU A 86 17.89 11.28 15.53
N THR A 87 16.71 10.69 15.68
CA THR A 87 16.54 9.63 16.68
C THR A 87 15.93 8.36 16.11
N ASN A 88 14.99 8.48 15.17
CA ASN A 88 14.24 7.31 14.71
C ASN A 88 15.14 6.37 13.93
N GLY A 89 14.96 5.08 14.15
CA GLY A 89 15.34 4.11 13.14
C GLY A 89 14.44 4.30 11.93
N THR A 90 14.73 3.50 10.90
CA THR A 90 13.82 3.43 9.77
C THR A 90 13.96 2.07 9.11
N SER A 91 12.91 1.67 8.40
CA SER A 91 12.88 0.49 7.54
CA SER A 91 12.90 0.49 7.53
C SER A 91 12.01 0.84 6.36
N ILE A 92 12.51 0.60 5.15
CA ILE A 92 11.78 1.01 3.95
C ILE A 92 11.19 -0.26 3.33
N HIS A 93 9.86 -0.29 3.25
CA HIS A 93 9.11 -1.38 2.67
C HIS A 93 8.72 -1.05 1.23
N TRP A 94 8.91 -2.01 0.32
CA TRP A 94 8.63 -1.86 -1.13
C TRP A 94 7.24 -2.45 -1.33
N HIS A 95 6.23 -1.61 -1.18
CA HIS A 95 4.86 -2.07 -1.08
C HIS A 95 4.37 -2.55 -2.43
N GLY A 96 4.01 -3.82 -2.49
CA GLY A 96 3.52 -4.40 -3.70
C GLY A 96 4.52 -5.28 -4.41
N LEU A 97 5.79 -5.21 -4.04
CA LEU A 97 6.82 -6.08 -4.61
C LEU A 97 6.85 -7.38 -3.80
N GLN A 99 8.90 -9.80 -3.43
CA GLN A 99 10.13 -10.25 -2.77
C GLN A 99 10.28 -11.77 -2.83
N LYS A 100 10.05 -12.36 -4.01
CA LYS A 100 10.07 -13.81 -4.15
C LYS A 100 11.48 -14.33 -3.91
N GLY A 101 11.65 -15.12 -2.86
CA GLY A 101 12.94 -15.59 -2.40
C GLY A 101 13.84 -14.54 -1.79
N THR A 102 13.33 -13.33 -1.52
CA THR A 102 14.12 -12.24 -0.94
C THR A 102 13.42 -11.62 0.26
N ASN A 103 12.79 -12.47 1.09
CA ASN A 103 12.06 -12.02 2.27
C ASN A 103 12.86 -11.03 3.10
N LEU A 104 14.17 -11.21 3.21
CA LEU A 104 14.96 -10.36 4.11
C LEU A 104 15.21 -8.97 3.54
N HIS A 105 14.68 -8.66 2.36
CA HIS A 105 14.68 -7.34 1.77
C HIS A 105 13.31 -6.68 1.76
N ASP A 106 12.33 -7.24 2.48
CA ASP A 106 10.98 -6.70 2.49
C ASP A 106 10.86 -5.39 3.26
N GLY A 107 11.77 -5.11 4.18
CA GLY A 107 11.77 -3.84 4.87
C GLY A 107 10.72 -3.69 5.94
N ALA A 108 10.33 -4.78 6.60
CA ALA A 108 9.36 -4.74 7.70
C ALA A 108 10.12 -4.90 9.02
N ASN A 109 10.41 -3.79 9.70
CA ASN A 109 11.21 -3.90 10.92
C ASN A 109 10.47 -4.74 11.96
N GLY A 110 11.22 -5.54 12.70
CA GLY A 110 10.67 -6.50 13.64
C GLY A 110 10.19 -7.78 12.99
N ILE A 111 10.11 -7.81 11.66
CA ILE A 111 9.66 -8.98 10.92
C ILE A 111 10.82 -9.57 10.11
N THR A 112 11.34 -8.80 9.16
CA THR A 112 12.40 -9.24 8.25
C THR A 112 13.74 -8.54 8.49
N GLU A 113 13.79 -7.56 9.39
CA GLU A 113 15.03 -6.84 9.66
C GLU A 113 14.84 -6.09 10.98
N CYS A 114 15.96 -5.62 11.53
CA CYS A 114 15.96 -4.58 12.54
C CYS A 114 15.98 -3.22 11.85
N PRO A 115 15.58 -2.15 12.53
CA PRO A 115 15.64 -0.83 11.89
C PRO A 115 17.08 -0.35 11.65
N ILE A 116 17.22 0.51 10.64
CA ILE A 116 18.47 1.21 10.35
C ILE A 116 18.66 2.30 11.40
N PRO A 117 19.77 2.32 12.12
CA PRO A 117 19.98 3.36 13.14
C PRO A 117 20.05 4.75 12.54
N PRO A 118 19.71 5.78 13.31
CA PRO A 118 19.75 7.15 12.82
C PRO A 118 21.18 7.68 12.73
N LYS A 119 21.28 8.96 12.36
CA LYS A 119 22.56 9.68 12.30
C LYS A 119 23.59 8.94 11.43
N GLY A 120 23.12 8.38 10.31
CA GLY A 120 24.02 7.82 9.33
C GLY A 120 24.00 6.32 9.16
N GLY A 121 23.09 5.61 9.82
CA GLY A 121 22.93 4.20 9.52
C GLY A 121 22.57 4.00 8.06
N ARG A 122 22.95 2.85 7.51
CA ARG A 122 22.62 2.60 6.13
C ARG A 122 22.48 1.11 5.90
N LYS A 123 21.72 0.77 4.86
CA LYS A 123 21.72 -0.58 4.33
C LYS A 123 21.34 -0.55 2.87
N VAL A 124 21.56 -1.68 2.21
CA VAL A 124 21.25 -1.83 0.81
C VAL A 124 20.14 -2.87 0.68
N TYR A 125 19.02 -2.46 0.08
CA TYR A 125 17.97 -3.40 -0.29
C TYR A 125 18.17 -3.84 -1.73
N ARG A 126 18.02 -5.12 -1.99
CA ARG A 126 18.17 -5.63 -3.34
C ARG A 126 17.07 -6.63 -3.64
N PHE A 127 16.38 -6.44 -4.76
CA PHE A 127 15.26 -7.30 -5.12
C PHE A 127 15.02 -7.20 -6.61
N LYS A 128 14.18 -8.09 -7.10
CA LYS A 128 14.01 -8.27 -8.53
C LYS A 128 12.66 -7.71 -8.95
N ALA A 129 12.62 -7.12 -10.15
CA ALA A 129 11.36 -6.67 -10.74
C ALA A 129 10.76 -7.82 -11.52
N GLN A 130 10.19 -8.78 -10.79
CA GLN A 130 9.50 -9.93 -11.38
C GLN A 130 8.04 -9.65 -11.59
N GLN A 131 7.66 -8.39 -11.45
CA GLN A 131 6.34 -7.85 -11.70
C GLN A 131 6.56 -6.55 -12.44
N TYR A 132 5.50 -5.99 -12.99
CA TYR A 132 5.56 -4.66 -13.60
C TYR A 132 4.28 -3.91 -13.24
N GLY A 133 4.40 -2.59 -13.18
CA GLY A 133 3.29 -1.75 -12.81
C GLY A 133 3.68 -0.69 -11.81
N THR A 134 2.70 -0.24 -11.04
CA THR A 134 2.86 0.89 -10.14
C THR A 134 2.80 0.43 -8.69
N SER A 135 3.82 0.78 -7.91
CA SER A 135 3.88 0.44 -6.51
C SER A 135 4.37 1.68 -5.76
N TRP A 136 4.71 1.52 -4.49
CA TRP A 136 5.23 2.63 -3.73
C TRP A 136 6.09 2.10 -2.60
N TYR A 137 6.93 2.97 -2.05
CA TYR A 137 7.73 2.61 -0.89
C TYR A 137 7.40 3.54 0.27
N HIS A 138 7.57 3.03 1.49
CA HIS A 138 7.28 3.81 2.67
C HIS A 138 7.95 3.17 3.87
N SER A 139 8.25 4.01 4.86
CA SER A 139 8.74 3.52 6.13
C SER A 139 7.71 2.59 6.77
N HIS A 140 8.21 1.57 7.49
CA HIS A 140 7.38 0.73 8.34
C HIS A 140 7.72 0.91 9.82
N PHE A 141 8.46 1.96 10.17
CA PHE A 141 8.87 2.24 11.55
C PHE A 141 7.73 2.97 12.27
N SER A 142 6.89 2.19 12.96
CA SER A 142 5.64 2.75 13.51
C SER A 142 4.95 3.54 12.40
N ALA A 143 4.45 4.75 12.66
CA ALA A 143 3.71 5.51 11.66
C ALA A 143 4.57 6.56 10.97
N GLN A 144 5.89 6.35 10.96
CA GLN A 144 6.84 7.33 10.45
C GLN A 144 6.51 7.80 9.04
N TYR A 145 5.93 6.95 8.21
CA TYR A 145 5.69 7.39 6.83
C TYR A 145 4.70 8.54 6.77
N GLY A 146 3.89 8.69 7.81
CA GLY A 146 3.02 9.84 7.92
C GLY A 146 3.76 11.16 8.04
N ASN A 147 5.06 11.13 8.35
CA ASN A 147 5.85 12.35 8.41
C ASN A 147 6.45 12.74 7.07
N GLY A 148 6.34 11.87 6.07
CA GLY A 148 6.84 12.16 4.75
C GLY A 148 7.76 11.12 4.14
N VAL A 149 7.94 9.96 4.76
CA VAL A 149 8.90 8.95 4.26
C VAL A 149 8.13 8.03 3.33
N VAL A 150 7.91 8.53 2.10
CA VAL A 150 7.09 7.90 1.05
CA VAL A 150 7.19 7.80 1.07
C VAL A 150 7.73 8.21 -0.30
N GLY A 151 7.56 7.31 -1.27
CA GLY A 151 7.86 7.57 -2.66
C GLY A 151 7.20 6.53 -3.55
N ALA A 152 7.31 6.72 -4.86
CA ALA A 152 6.67 5.83 -5.81
C ALA A 152 7.66 4.86 -6.44
N ILE A 153 7.10 3.79 -7.01
CA ILE A 153 7.83 2.78 -7.77
C ILE A 153 7.13 2.62 -9.11
N GLN A 154 7.86 2.74 -10.20
CA GLN A 154 7.32 2.57 -11.54
C GLN A 154 8.19 1.55 -12.26
N ILE A 155 7.67 0.34 -12.45
CA ILE A 155 8.37 -0.70 -13.17
C ILE A 155 7.69 -0.86 -14.53
N ASN A 156 8.36 -0.43 -15.59
CA ASN A 156 7.74 -0.45 -16.91
C ASN A 156 7.62 -1.88 -17.42
N GLY A 157 6.58 -2.10 -18.23
CA GLY A 157 6.31 -3.38 -18.85
C GLY A 157 5.10 -3.24 -19.77
N PRO A 158 4.48 -4.34 -20.15
CA PRO A 158 3.33 -4.28 -21.07
C PRO A 158 2.08 -3.78 -20.37
N ALA A 159 1.03 -3.56 -21.16
CA ALA A 159 -0.24 -3.07 -20.63
C ALA A 159 -1.39 -3.69 -21.42
N SER A 160 -2.58 -3.63 -20.82
CA SER A 160 -3.77 -4.27 -21.37
C SER A 160 -4.58 -3.36 -22.28
N LEU A 161 -4.13 -2.14 -22.52
CA LEU A 161 -4.74 -1.25 -23.50
C LEU A 161 -3.65 -0.43 -24.14
N PRO A 162 -3.80 -0.09 -25.43
CA PRO A 162 -2.87 0.88 -26.03
C PRO A 162 -3.06 2.27 -25.44
N TYR A 163 -1.97 3.03 -25.40
CA TYR A 163 -2.02 4.41 -24.97
C TYR A 163 -0.82 5.15 -25.53
N ASP A 164 -0.96 6.45 -25.69
CA ASP A 164 0.07 7.21 -26.36
C ASP A 164 1.17 7.66 -25.41
N THR A 165 0.79 8.14 -24.23
CA THR A 165 1.69 8.83 -23.31
C THR A 165 1.48 8.32 -21.89
N ASP A 166 2.57 8.02 -21.19
CA ASP A 166 2.54 7.70 -19.77
C ASP A 166 2.77 8.98 -18.99
N LEU A 167 1.75 9.45 -18.26
CA LEU A 167 1.89 10.66 -17.47
C LEU A 167 2.67 10.45 -16.19
N GLY A 168 2.87 9.20 -15.80
CA GLY A 168 3.67 8.90 -14.64
C GLY A 168 2.86 8.76 -13.38
N VAL A 169 3.58 8.66 -12.27
CA VAL A 169 2.94 8.40 -10.99
C VAL A 169 2.18 9.63 -10.54
N PHE A 170 1.06 9.40 -9.86
CA PHE A 170 0.21 10.48 -9.34
C PHE A 170 -0.23 10.06 -7.95
N PRO A 171 0.67 10.15 -6.96
CA PRO A 171 0.30 9.78 -5.59
C PRO A 171 -0.58 10.85 -4.98
N ILE A 172 -1.61 10.39 -4.27
CA ILE A 172 -2.57 11.26 -3.59
C ILE A 172 -2.55 10.86 -2.12
N SER A 173 -2.40 11.85 -1.23
CA SER A 173 -2.21 11.52 0.16
C SER A 173 -2.91 12.48 1.10
N ASP A 174 -3.45 11.95 2.20
CA ASP A 174 -3.84 12.85 3.27
C ASP A 174 -2.61 13.57 3.81
N TYR A 175 -2.86 14.72 4.42
CA TYR A 175 -1.83 15.61 4.91
C TYR A 175 -2.31 16.17 6.24
N TYR A 176 -1.47 16.02 7.27
CA TYR A 176 -1.80 16.50 8.61
C TYR A 176 -0.72 17.48 9.06
N TYR A 177 -1.14 18.51 9.77
CA TYR A 177 -0.18 19.44 10.35
C TYR A 177 0.49 18.84 11.59
N SER A 178 -0.23 18.01 12.34
CA SER A 178 0.39 17.29 13.43
C SER A 178 1.32 16.22 12.88
N SER A 179 2.29 15.83 13.71
CA SER A 179 3.22 14.78 13.33
C SER A 179 2.58 13.40 13.45
N ALA A 180 3.22 12.41 12.83
CA ALA A 180 2.75 11.03 12.93
C ALA A 180 2.73 10.52 14.38
N ASP A 181 3.76 10.84 15.16
CA ASP A 181 3.78 10.40 16.56
C ASP A 181 2.69 11.09 17.38
N GLU A 182 2.43 12.36 17.08
CA GLU A 182 1.32 13.05 17.74
C GLU A 182 -0.02 12.40 17.39
N LEU A 183 -0.17 11.95 16.14
CA LEU A 183 -1.42 11.35 15.69
C LEU A 183 -1.59 9.92 16.19
N VAL A 184 -0.49 9.19 16.36
CA VAL A 184 -0.59 7.90 17.05
C VAL A 184 -1.07 8.10 18.48
N GLU A 185 -0.50 9.09 19.19
CA GLU A 185 -0.91 9.35 20.56
C GLU A 185 -2.39 9.72 20.61
N LEU A 186 -2.83 10.55 19.67
CA LEU A 186 -4.23 10.95 19.61
C LEU A 186 -5.14 9.74 19.42
N THR A 187 -4.81 8.88 18.45
CA THR A 187 -5.70 7.80 18.07
C THR A 187 -5.65 6.62 19.02
N LYS A 188 -4.73 6.61 19.98
CA LYS A 188 -4.84 5.64 21.06
C LYS A 188 -6.12 5.85 21.87
N ASN A 189 -6.59 7.09 21.97
CA ASN A 189 -7.73 7.37 22.83
C ASN A 189 -8.83 8.21 22.19
N SER A 190 -8.72 8.51 20.89
CA SER A 190 -9.78 9.14 20.13
C SER A 190 -9.83 8.48 18.76
N GLY A 191 -10.96 8.65 18.08
CA GLY A 191 -11.07 8.16 16.71
C GLY A 191 -10.18 8.93 15.75
N ALA A 192 -10.09 8.40 14.54
CA ALA A 192 -9.24 9.01 13.53
C ALA A 192 -9.72 10.42 13.21
N PRO A 193 -8.83 11.42 13.14
CA PRO A 193 -9.25 12.77 12.77
C PRO A 193 -9.35 12.91 11.25
N PHE A 194 -10.00 13.98 10.85
CA PHE A 194 -9.97 14.38 9.46
C PHE A 194 -8.55 14.81 9.10
N SER A 195 -8.20 14.63 7.84
CA SER A 195 -6.98 15.22 7.33
C SER A 195 -7.13 16.74 7.26
N ASP A 196 -6.00 17.44 7.37
CA ASP A 196 -6.03 18.89 7.21
C ASP A 196 -6.12 19.28 5.74
N ASN A 197 -5.53 18.47 4.86
CA ASN A 197 -5.58 18.69 3.43
C ASN A 197 -5.33 17.35 2.74
N VAL A 198 -5.45 17.37 1.42
CA VAL A 198 -5.12 16.25 0.55
C VAL A 198 -4.16 16.76 -0.51
N LEU A 199 -3.01 16.11 -0.62
CA LEU A 199 -1.98 16.53 -1.55
C LEU A 199 -1.99 15.61 -2.76
N PHE A 200 -1.97 16.23 -3.94
CA PHE A 200 -1.87 15.53 -5.21
C PHE A 200 -0.45 15.72 -5.71
N ASN A 201 0.28 14.62 -5.83
CA ASN A 201 1.69 14.69 -6.22
C ASN A 201 2.42 15.75 -5.40
N GLY A 202 2.12 15.79 -4.11
CA GLY A 202 2.81 16.66 -3.19
C GLY A 202 2.32 18.09 -3.07
N THR A 203 1.21 18.46 -3.70
CA THR A 203 0.79 19.85 -3.62
C THR A 203 -0.73 19.99 -3.58
N ALA A 204 -1.16 21.15 -3.09
CA ALA A 204 -2.56 21.50 -2.92
C ALA A 204 -2.61 22.97 -2.55
N LYS A 205 -3.79 23.56 -2.72
CA LYS A 205 -4.08 24.86 -2.14
C LYS A 205 -4.69 24.69 -0.75
N HIS A 206 -4.42 25.66 0.11
CA HIS A 206 -5.04 25.71 1.43
C HIS A 206 -6.52 26.03 1.29
N PRO A 207 -7.41 25.31 1.98
CA PRO A 207 -8.85 25.55 1.79
C PRO A 207 -9.33 26.90 2.31
N GLU A 208 -8.60 27.55 3.21
CA GLU A 208 -9.01 28.85 3.72
C GLU A 208 -8.19 30.01 3.18
N THR A 209 -6.87 29.88 3.16
CA THR A 209 -5.99 30.97 2.73
C THR A 209 -5.75 31.00 1.23
N GLY A 210 -5.97 29.89 0.52
CA GLY A 210 -5.63 29.83 -0.88
C GLY A 210 -4.15 29.79 -1.20
N GLU A 211 -3.29 29.75 -0.19
CA GLU A 211 -1.86 29.60 -0.45
C GLU A 211 -1.59 28.21 -1.03
N GLY A 212 -0.51 28.11 -1.79
CA GLY A 212 -0.19 26.87 -2.47
C GLY A 212 -0.67 26.86 -3.90
N GLU A 213 -0.56 25.68 -4.53
CA GLU A 213 -0.89 25.50 -5.93
C GLU A 213 -1.54 24.14 -6.14
N TYR A 214 -2.49 24.08 -7.09
CA TYR A 214 -3.01 22.80 -7.53
C TYR A 214 -1.96 22.07 -8.33
N ALA A 215 -1.89 20.75 -8.14
CA ALA A 215 -1.21 19.92 -9.13
C ALA A 215 -1.81 20.19 -10.50
N ASN A 216 -0.97 20.11 -11.53
CA ASN A 216 -1.35 20.54 -12.88
C ASN A 216 -0.83 19.50 -13.85
N VAL A 217 -1.73 18.67 -14.35
CA VAL A 217 -1.41 17.56 -15.24
C VAL A 217 -1.84 17.94 -16.64
N THR A 218 -0.92 17.84 -17.60
CA THR A 218 -1.20 18.29 -18.95
C THR A 218 -1.60 17.12 -19.84
N LEU A 219 -2.74 17.26 -20.49
CA LEU A 219 -3.22 16.29 -21.47
C LEU A 219 -2.99 16.83 -22.87
N THR A 220 -2.58 15.95 -23.76
CA THR A 220 -2.46 16.27 -25.18
C THR A 220 -3.80 16.03 -25.87
N PRO A 221 -4.43 17.05 -26.44
CA PRO A 221 -5.75 16.84 -27.05
C PRO A 221 -5.76 15.64 -27.98
N GLY A 222 -6.77 14.79 -27.80
CA GLY A 222 -7.01 13.68 -28.69
C GLY A 222 -6.29 12.40 -28.33
N ARG A 223 -5.33 12.46 -27.42
CA ARG A 223 -4.45 11.34 -27.14
C ARG A 223 -4.93 10.55 -25.92
N ARG A 224 -4.39 9.35 -25.79
CA ARG A 224 -4.67 8.46 -24.68
C ARG A 224 -3.50 8.50 -23.69
N HIS A 225 -3.81 8.69 -22.41
CA HIS A 225 -2.78 8.91 -21.41
C HIS A 225 -2.93 7.91 -20.28
N ARG A 226 -1.82 7.27 -19.90
CA ARG A 226 -1.77 6.43 -18.71
C ARG A 226 -1.49 7.30 -17.49
N LEU A 227 -2.27 7.10 -16.43
CA LEU A 227 -2.11 7.80 -15.17
C LEU A 227 -2.00 6.76 -14.07
N ARG A 228 -0.96 6.87 -13.26
CA ARG A 228 -0.61 5.85 -12.27
C ARG A 228 -1.01 6.35 -10.88
N LEU A 229 -2.25 6.06 -10.49
CA LEU A 229 -2.79 6.51 -9.23
C LEU A 229 -2.30 5.66 -8.05
N ILE A 230 -1.93 6.33 -6.96
CA ILE A 230 -1.49 5.68 -5.73
C ILE A 230 -2.10 6.42 -4.55
N ASN A 231 -2.72 5.70 -3.63
CA ASN A 231 -3.11 6.30 -2.35
C ASN A 231 -2.01 6.04 -1.32
N THR A 232 -1.19 7.04 -1.05
CA THR A 232 -0.07 6.93 -0.12
C THR A 232 -0.43 7.44 1.28
N SER A 233 -1.73 7.58 1.57
CA SER A 233 -2.18 8.12 2.85
C SER A 233 -1.83 7.22 4.02
N VAL A 234 -1.93 7.80 5.23
CA VAL A 234 -1.97 7.01 6.44
C VAL A 234 -3.38 6.55 6.84
N GLU A 235 -4.45 7.23 6.37
CA GLU A 235 -5.80 6.84 6.76
C GLU A 235 -6.89 7.13 5.73
N ASN A 236 -6.79 8.26 5.01
CA ASN A 236 -7.85 8.67 4.10
C ASN A 236 -7.98 7.68 2.94
N HIS A 237 -9.23 7.25 2.68
CA HIS A 237 -9.61 6.50 1.50
C HIS A 237 -10.38 7.42 0.55
N PHE A 238 -9.95 7.48 -0.71
CA PHE A 238 -10.41 8.49 -1.63
C PHE A 238 -11.35 7.94 -2.69
N GLN A 239 -12.35 8.74 -3.06
CA GLN A 239 -13.07 8.62 -4.32
C GLN A 239 -12.49 9.68 -5.26
N VAL A 240 -12.04 9.25 -6.43
CA VAL A 240 -11.47 10.20 -7.39
C VAL A 240 -12.29 10.19 -8.67
N SER A 241 -12.35 11.36 -9.29
CA SER A 241 -13.12 11.54 -10.51
C SER A 241 -12.54 12.74 -11.25
N LEU A 242 -12.53 12.64 -12.58
CA LEU A 242 -12.13 13.75 -13.45
C LEU A 242 -13.38 14.30 -14.14
N VAL A 243 -13.68 15.59 -13.90
CA VAL A 243 -14.88 16.18 -14.46
C VAL A 243 -14.94 15.90 -15.95
N ASN A 244 -16.10 15.40 -16.40
CA ASN A 244 -16.46 15.18 -17.80
C ASN A 244 -15.59 14.14 -18.49
N HIS A 245 -14.83 13.34 -17.74
CA HIS A 245 -13.98 12.32 -18.33
C HIS A 245 -14.22 11.01 -17.59
N THR A 246 -14.11 9.91 -18.32
CA THR A 246 -14.05 8.60 -17.70
C THR A 246 -12.60 8.19 -17.53
N MET A 247 -12.39 7.13 -16.77
CA MET A 247 -11.09 6.51 -16.57
C MET A 247 -11.25 5.04 -16.90
N THR A 248 -10.36 4.50 -17.71
CA THR A 248 -10.39 3.08 -18.04
C THR A 248 -9.27 2.39 -17.27
N ILE A 249 -9.66 1.55 -16.30
CA ILE A 249 -8.71 0.82 -15.48
C ILE A 249 -8.02 -0.24 -16.31
N ILE A 250 -6.69 -0.27 -16.24
CA ILE A 250 -5.90 -1.32 -16.87
C ILE A 250 -5.02 -2.09 -15.89
N ALA A 251 -4.89 -1.64 -14.64
CA ALA A 251 -4.22 -2.45 -13.63
C ALA A 251 -4.74 -2.05 -12.27
N ALA A 252 -4.75 -3.02 -11.35
CA ALA A 252 -5.04 -2.82 -9.95
C ALA A 252 -3.85 -3.30 -9.14
N ASP A 253 -3.34 -2.43 -8.26
CA ASP A 253 -2.07 -2.69 -7.57
C ASP A 253 -1.08 -3.11 -8.64
N MET A 254 -0.36 -4.23 -8.49
CA MET A 254 0.61 -4.68 -9.49
C MET A 254 0.07 -5.75 -10.42
N VAL A 255 -1.24 -5.77 -10.64
CA VAL A 255 -1.86 -6.83 -11.43
C VAL A 255 -2.61 -6.22 -12.61
N PRO A 256 -2.13 -6.43 -13.84
CA PRO A 256 -2.90 -5.95 -14.99
C PRO A 256 -4.27 -6.60 -15.07
N VAL A 257 -5.27 -5.79 -15.43
CA VAL A 257 -6.63 -6.29 -15.55
C VAL A 257 -7.19 -5.94 -16.93
N ASN A 258 -8.21 -6.70 -17.31
CA ASN A 258 -8.96 -6.37 -18.51
C ASN A 258 -9.61 -5.01 -18.36
N ALA A 259 -9.55 -4.19 -19.40
CA ALA A 259 -9.96 -2.80 -19.29
C ALA A 259 -11.37 -2.68 -18.73
N MET A 260 -11.54 -1.72 -17.82
CA MET A 260 -12.85 -1.44 -17.21
C MET A 260 -13.00 0.06 -17.10
N THR A 261 -13.97 0.61 -17.82
CA THR A 261 -14.22 2.05 -17.82
C THR A 261 -15.17 2.43 -16.70
N VAL A 262 -14.80 3.44 -15.92
CA VAL A 262 -15.57 3.91 -14.78
C VAL A 262 -15.65 5.43 -14.81
N ASP A 263 -16.67 5.96 -14.12
CA ASP A 263 -16.81 7.40 -13.96
C ASP A 263 -16.04 7.92 -12.74
N SER A 264 -15.83 7.09 -11.74
CA SER A 264 -15.13 7.46 -10.53
C SER A 264 -14.54 6.19 -9.96
N LEU A 265 -13.62 6.34 -9.01
CA LEU A 265 -12.80 5.23 -8.53
C LEU A 265 -12.50 5.36 -7.05
N PHE A 266 -12.69 4.26 -6.31
CA PHE A 266 -12.33 4.19 -4.90
C PHE A 266 -10.90 3.68 -4.76
N LEU A 267 -10.04 4.45 -4.09
CA LEU A 267 -8.70 4.02 -3.76
C LEU A 267 -8.54 3.92 -2.25
N GLY A 268 -8.49 2.70 -1.74
CA GLY A 268 -8.15 2.50 -0.35
C GLY A 268 -6.71 2.82 -0.08
N VAL A 269 -6.38 2.89 1.21
CA VAL A 269 -5.01 3.19 1.61
C VAL A 269 -4.10 2.11 1.02
N GLY A 270 -3.10 2.53 0.27
CA GLY A 270 -2.12 1.65 -0.30
C GLY A 270 -2.48 1.06 -1.63
N GLN A 271 -3.72 1.25 -2.08
CA GLN A 271 -4.12 0.77 -3.39
C GLN A 271 -3.54 1.64 -4.49
N ARG A 272 -3.32 1.00 -5.63
CA ARG A 272 -2.97 1.68 -6.86
C ARG A 272 -3.99 1.27 -7.92
N TYR A 273 -4.21 2.20 -8.86
CA TYR A 273 -4.85 1.86 -10.11
C TYR A 273 -4.12 2.55 -11.25
N ASP A 274 -3.82 1.80 -12.30
CA ASP A 274 -3.40 2.39 -13.56
C ASP A 274 -4.63 2.62 -14.41
N VAL A 275 -4.82 3.85 -14.89
CA VAL A 275 -5.97 4.17 -15.72
C VAL A 275 -5.51 4.85 -17.00
N VAL A 276 -6.32 4.70 -18.04
CA VAL A 276 -6.11 5.41 -19.30
C VAL A 276 -7.21 6.45 -19.43
N ILE A 277 -6.80 7.68 -19.73
CA ILE A 277 -7.71 8.80 -19.94
C ILE A 277 -7.55 9.26 -21.38
N GLU A 278 -8.67 9.36 -22.10
CA GLU A 278 -8.67 9.87 -23.45
CA GLU A 278 -8.69 9.87 -23.46
C GLU A 278 -9.04 11.35 -23.43
N ALA A 279 -8.17 12.19 -24.00
CA ALA A 279 -8.39 13.64 -24.00
C ALA A 279 -9.26 14.02 -25.20
N SER A 280 -10.51 13.55 -25.16
CA SER A 280 -11.44 13.70 -26.26
C SER A 280 -12.51 14.75 -26.01
N ARG A 281 -12.42 15.51 -24.92
CA ARG A 281 -13.41 16.51 -24.62
C ARG A 281 -12.95 17.87 -25.14
N THR A 282 -13.84 18.84 -25.04
CA THR A 282 -13.50 20.21 -25.42
C THR A 282 -12.23 20.63 -24.70
N PRO A 283 -11.23 21.14 -25.41
CA PRO A 283 -10.00 21.58 -24.73
C PRO A 283 -10.31 22.61 -23.65
N GLY A 284 -9.78 22.36 -22.46
CA GLY A 284 -10.03 23.25 -21.36
C GLY A 284 -9.32 22.76 -20.13
N ASN A 285 -9.82 23.19 -18.98
CA ASN A 285 -9.27 22.81 -17.69
C ASN A 285 -10.36 22.08 -16.91
N TYR A 286 -9.99 20.96 -16.32
CA TYR A 286 -10.94 20.08 -15.67
C TYR A 286 -10.45 19.71 -14.29
N TRP A 287 -11.33 19.78 -13.29
CA TRP A 287 -10.96 19.39 -11.95
C TRP A 287 -10.78 17.87 -11.87
N PHE A 288 -9.73 17.46 -11.18
CA PHE A 288 -9.59 16.10 -10.69
C PHE A 288 -9.89 16.14 -9.20
N ASN A 289 -11.04 15.61 -8.80
CA ASN A 289 -11.57 15.77 -7.47
C ASN A 289 -11.37 14.54 -6.59
N VAL A 290 -11.11 14.79 -5.32
CA VAL A 290 -11.24 13.80 -4.25
C VAL A 290 -12.55 14.09 -3.52
N THR A 291 -13.33 13.05 -3.30
CA THR A 291 -14.50 13.07 -2.44
C THR A 291 -14.45 11.87 -1.51
N PHE A 292 -15.28 11.94 -0.48
CA PHE A 292 -15.34 10.90 0.54
C PHE A 292 -16.76 10.36 0.63
N GLY A 293 -16.86 9.05 0.82
CA GLY A 293 -18.14 8.38 0.96
C GLY A 293 -18.23 7.64 2.28
N GLY A 294 -19.16 6.69 2.35
CA GLY A 294 -19.22 5.78 3.47
C GLY A 294 -19.45 6.43 4.80
N GLY A 295 -20.15 7.57 4.82
CA GLY A 295 -20.39 8.24 6.08
C GLY A 295 -19.13 8.74 6.73
N LEU A 296 -18.07 8.95 5.93
CA LEU A 296 -16.77 9.40 6.40
C LEU A 296 -16.09 8.38 7.31
N LEU A 297 -16.52 7.11 7.25
CA LEU A 297 -15.96 6.09 8.12
C LEU A 297 -14.63 5.58 7.63
N CYS A 298 -14.23 5.93 6.41
CA CYS A 298 -12.89 5.62 5.97
C CYS A 298 -12.19 6.88 5.50
N GLY A 299 -12.47 8.00 6.17
CA GLY A 299 -11.75 9.24 5.94
C GLY A 299 -12.63 10.42 5.63
N GLY A 300 -12.15 11.60 6.03
CA GLY A 300 -12.70 12.88 5.62
C GLY A 300 -11.59 13.90 5.71
N SER A 301 -11.87 15.10 5.22
CA SER A 301 -10.84 16.13 5.20
C SER A 301 -11.42 17.47 5.57
N ARG A 302 -10.59 18.29 6.21
CA ARG A 302 -10.94 19.68 6.49
C ARG A 302 -10.93 20.55 5.23
N ASN A 303 -10.34 20.07 4.13
CA ASN A 303 -10.51 20.71 2.84
C ASN A 303 -11.77 20.15 2.21
N PRO A 304 -12.83 20.95 2.04
CA PRO A 304 -14.10 20.37 1.55
C PRO A 304 -14.05 19.91 0.09
N TYR A 305 -13.11 20.42 -0.70
CA TYR A 305 -13.06 20.14 -2.14
C TYR A 305 -11.60 20.00 -2.56
N PRO A 306 -10.92 18.96 -2.09
CA PRO A 306 -9.54 18.72 -2.54
C PRO A 306 -9.53 18.38 -4.02
N ALA A 307 -8.57 18.94 -4.74
CA ALA A 307 -8.58 18.77 -6.19
C ALA A 307 -7.21 19.08 -6.79
N ALA A 308 -7.03 18.55 -8.00
CA ALA A 308 -5.96 18.90 -8.93
C ALA A 308 -6.60 19.42 -10.22
N ILE A 309 -5.75 19.90 -11.13
CA ILE A 309 -6.21 20.42 -12.41
C ILE A 309 -5.61 19.59 -13.53
N PHE A 310 -6.44 19.18 -14.46
CA PHE A 310 -6.02 18.57 -15.71
C PHE A 310 -6.26 19.57 -16.83
N HIS A 311 -5.19 19.91 -17.53
CA HIS A 311 -5.16 21.00 -18.50
C HIS A 311 -4.88 20.42 -19.88
N TYR A 312 -5.75 20.72 -20.84
CA TYR A 312 -5.48 20.39 -22.24
C TYR A 312 -4.41 21.33 -22.77
N ALA A 313 -3.35 20.75 -23.33
CA ALA A 313 -2.32 21.56 -23.98
C ALA A 313 -2.96 22.46 -25.03
N GLY A 314 -2.57 23.75 -25.00
CA GLY A 314 -3.10 24.73 -25.91
C GLY A 314 -4.31 25.48 -25.41
N ALA A 315 -5.04 24.93 -24.45
CA ALA A 315 -6.18 25.60 -23.87
C ALA A 315 -5.71 26.76 -23.00
N PRO A 316 -6.61 27.64 -22.60
CA PRO A 316 -6.23 28.73 -21.69
C PRO A 316 -5.79 28.21 -20.32
N GLY A 317 -5.10 29.09 -19.59
CA GLY A 317 -4.72 28.80 -18.23
C GLY A 317 -5.85 29.08 -17.26
N GLY A 318 -5.49 29.15 -15.98
CA GLY A 318 -6.46 29.43 -14.94
C GLY A 318 -7.15 28.17 -14.46
N PRO A 319 -8.07 28.31 -13.52
CA PRO A 319 -8.71 27.14 -12.93
C PRO A 319 -9.89 26.67 -13.76
N PRO A 320 -10.24 25.38 -13.66
CA PRO A 320 -11.48 24.91 -14.27
C PRO A 320 -12.66 25.75 -13.82
N THR A 321 -13.70 25.81 -14.66
CA THR A 321 -14.92 26.52 -14.31
C THR A 321 -16.13 25.62 -14.09
N ASP A 322 -16.04 24.34 -14.46
CA ASP A 322 -17.12 23.39 -14.25
C ASP A 322 -16.84 22.60 -12.98
N GLU A 323 -17.65 22.84 -11.93
CA GLU A 323 -17.43 22.15 -10.67
C GLU A 323 -17.80 20.67 -10.73
N GLY A 324 -18.57 20.27 -11.74
CA GLY A 324 -18.93 18.87 -11.89
C GLY A 324 -19.92 18.42 -10.82
N LYS A 325 -20.22 17.13 -10.86
CA LYS A 325 -21.14 16.53 -9.92
C LYS A 325 -20.40 15.53 -9.03
N ALA A 326 -20.91 15.37 -7.81
CA ALA A 326 -20.33 14.40 -6.91
C ALA A 326 -20.50 13.01 -7.50
N PRO A 327 -19.51 12.14 -7.35
CA PRO A 327 -19.66 10.75 -7.79
C PRO A 327 -20.59 9.98 -6.87
N VAL A 328 -20.93 8.78 -7.33
CA VAL A 328 -21.68 7.85 -6.48
C VAL A 328 -20.87 7.57 -5.22
N ASP A 329 -21.58 7.33 -4.13
CA ASP A 329 -20.95 6.94 -2.87
C ASP A 329 -20.41 5.52 -3.00
N HIS A 330 -19.09 5.36 -2.86
CA HIS A 330 -18.45 4.04 -3.00
C HIS A 330 -18.51 3.21 -1.72
N ASN A 331 -19.07 3.73 -0.63
CA ASN A 331 -19.35 2.92 0.56
C ASN A 331 -18.09 2.31 1.19
N CYS A 332 -16.94 2.97 1.04
CA CYS A 332 -15.67 2.47 1.59
C CYS A 332 -15.36 1.08 1.07
N LEU A 333 -15.69 0.82 -0.19
CA LEU A 333 -15.49 -0.47 -0.83
C LEU A 333 -14.81 -0.31 -2.17
N ASP A 334 -13.84 -1.19 -2.42
CA ASP A 334 -13.17 -1.27 -3.70
C ASP A 334 -13.91 -2.23 -4.64
N LEU A 335 -13.55 -2.18 -5.91
CA LEU A 335 -14.25 -2.92 -6.94
C LEU A 335 -14.18 -4.43 -6.72
N PRO A 336 -15.30 -5.14 -6.80
CA PRO A 336 -15.29 -6.59 -6.59
C PRO A 336 -15.15 -7.43 -7.85
N ASN A 337 -15.12 -6.79 -9.03
CA ASN A 337 -15.31 -7.49 -10.30
C ASN A 337 -14.17 -7.26 -11.28
N LEU A 338 -13.01 -6.81 -10.80
CA LEU A 338 -11.83 -6.68 -11.63
C LEU A 338 -11.37 -8.05 -12.09
N LYS A 339 -10.93 -8.13 -13.34
CA LYS A 339 -10.53 -9.42 -13.92
C LYS A 339 -9.08 -9.39 -14.37
N PRO A 340 -8.17 -10.05 -13.67
CA PRO A 340 -6.77 -10.09 -14.12
C PRO A 340 -6.64 -10.62 -15.55
N VAL A 341 -5.74 -9.98 -16.31
CA VAL A 341 -5.47 -10.42 -17.67
C VAL A 341 -4.97 -11.86 -17.67
N VAL A 342 -4.01 -12.15 -16.80
CA VAL A 342 -3.51 -13.49 -16.60
C VAL A 342 -4.46 -14.16 -15.61
N ALA A 343 -5.40 -14.94 -16.15
CA ALA A 343 -6.48 -15.48 -15.33
C ALA A 343 -6.02 -16.72 -14.57
N ARG A 344 -6.54 -16.86 -13.37
CA ARG A 344 -6.23 -18.01 -12.51
C ARG A 344 -7.51 -18.48 -11.86
N ASP A 345 -7.62 -19.77 -11.67
CA ASP A 345 -8.70 -20.36 -10.89
C ASP A 345 -8.16 -20.78 -9.54
N VAL A 346 -8.90 -20.47 -8.49
CA VAL A 346 -8.55 -20.89 -7.15
C VAL A 346 -9.43 -22.08 -6.79
N PRO A 347 -8.88 -23.20 -6.34
CA PRO A 347 -9.72 -24.34 -5.95
C PRO A 347 -10.64 -23.93 -4.83
N LEU A 348 -11.91 -24.25 -4.99
CA LEU A 348 -12.94 -23.90 -4.03
C LEU A 348 -13.85 -25.11 -3.87
N SER A 349 -13.24 -26.24 -3.55
CA SER A 349 -13.94 -27.51 -3.39
C SER A 349 -13.82 -27.91 -1.92
N GLY A 350 -14.94 -27.87 -1.21
CA GLY A 350 -14.93 -28.20 0.20
C GLY A 350 -14.38 -27.15 1.13
N PHE A 351 -14.47 -25.87 0.76
CA PHE A 351 -14.10 -24.81 1.69
C PHE A 351 -15.17 -24.69 2.77
N ALA A 352 -14.72 -24.52 4.01
CA ALA A 352 -15.63 -24.27 5.13
C ALA A 352 -14.85 -23.53 6.21
N LYS A 353 -15.59 -22.74 6.99
CA LYS A 353 -15.01 -21.99 8.09
C LYS A 353 -14.54 -22.91 9.20
N ARG A 354 -13.28 -22.74 9.61
CA ARG A 354 -12.67 -23.51 10.69
C ARG A 354 -11.76 -22.62 11.52
N PRO A 355 -11.46 -23.02 12.75
CA PRO A 355 -10.49 -22.24 13.55
C PRO A 355 -9.17 -22.01 12.83
N ASP A 356 -8.70 -22.94 12.01
CA ASP A 356 -7.40 -22.76 11.37
C ASP A 356 -7.46 -21.97 10.06
N ASN A 357 -8.63 -21.45 9.68
CA ASN A 357 -8.69 -20.59 8.50
C ASN A 357 -9.51 -19.33 8.76
N THR A 358 -9.70 -18.95 10.03
CA THR A 358 -10.50 -17.80 10.42
C THR A 358 -9.64 -16.82 11.24
N LEU A 359 -9.69 -15.53 10.90
CA LEU A 359 -9.03 -14.50 11.70
C LEU A 359 -10.06 -13.40 11.97
N ASP A 360 -10.40 -13.20 13.25
CA ASP A 360 -11.33 -12.14 13.61
C ASP A 360 -10.59 -10.89 14.02
N VAL A 361 -10.90 -9.78 13.36
CA VAL A 361 -10.43 -8.46 13.76
C VAL A 361 -11.36 -7.97 14.86
N THR A 362 -10.81 -7.52 15.99
CA THR A 362 -11.66 -6.97 17.03
C THR A 362 -11.07 -5.68 17.58
N LEU A 363 -11.96 -4.87 18.15
CA LEU A 363 -11.57 -3.66 18.86
C LEU A 363 -11.89 -3.87 20.33
N ASP A 364 -10.88 -3.71 21.17
CA ASP A 364 -11.03 -3.83 22.61
C ASP A 364 -10.98 -2.42 23.18
N THR A 365 -12.11 -1.93 23.68
CA THR A 365 -12.18 -0.61 24.28
C THR A 365 -12.33 -0.67 25.80
N THR A 366 -12.01 -1.82 26.41
CA THR A 366 -12.25 -2.00 27.84
C THR A 366 -11.05 -1.64 28.70
N GLY A 367 -9.92 -1.27 28.11
CA GLY A 367 -8.71 -1.03 28.86
C GLY A 367 -8.07 0.31 28.53
N THR A 368 -6.74 0.33 28.63
CA THR A 368 -5.90 1.50 28.36
C THR A 368 -4.79 1.06 27.41
N PRO A 369 -4.57 1.76 26.30
CA PRO A 369 -5.38 2.87 25.80
C PRO A 369 -6.77 2.41 25.38
N LEU A 370 -7.61 3.37 25.02
CA LEU A 370 -9.00 3.06 24.69
C LEU A 370 -9.12 2.23 23.42
N PHE A 371 -8.32 2.53 22.39
CA PHE A 371 -8.40 1.84 21.11
C PHE A 371 -7.27 0.84 21.00
N VAL A 372 -7.58 -0.42 21.28
CA VAL A 372 -6.64 -1.53 21.11
C VAL A 372 -7.24 -2.48 20.09
N TRP A 373 -6.53 -2.64 18.96
CA TRP A 373 -6.96 -3.50 17.87
C TRP A 373 -6.32 -4.87 18.02
N LYS A 374 -7.07 -5.93 17.74
CA LYS A 374 -6.60 -7.28 17.94
C LYS A 374 -6.98 -8.15 16.75
N VAL A 375 -6.17 -9.15 16.48
CA VAL A 375 -6.51 -10.17 15.50
C VAL A 375 -6.39 -11.52 16.20
N ASN A 376 -7.46 -12.31 16.13
CA ASN A 376 -7.55 -13.55 16.89
C ASN A 376 -7.16 -13.33 18.35
N GLY A 377 -7.63 -12.22 18.92
CA GLY A 377 -7.52 -11.94 20.33
C GLY A 377 -6.21 -11.36 20.80
N SER A 378 -5.33 -10.92 19.91
CA SER A 378 -4.02 -10.43 20.29
C SER A 378 -3.65 -9.20 19.49
N ALA A 379 -3.22 -8.16 20.17
CA ALA A 379 -2.68 -6.99 19.50
C ALA A 379 -1.25 -7.26 19.07
N ILE A 380 -0.95 -7.02 17.79
CA ILE A 380 0.42 -7.26 17.33
C ILE A 380 1.36 -6.28 18.03
N ASN A 381 2.55 -6.76 18.36
CA ASN A 381 3.53 -5.98 19.09
C ASN A 381 4.85 -6.71 18.91
N ILE A 382 5.76 -6.14 18.13
CA ILE A 382 7.03 -6.79 17.88
C ILE A 382 8.16 -6.02 18.56
N ASP A 383 9.31 -6.67 18.65
CA ASP A 383 10.54 -6.11 19.19
C ASP A 383 11.44 -5.81 18.00
N TRP A 384 11.71 -4.52 17.77
CA TRP A 384 12.53 -4.10 16.64
C TRP A 384 13.89 -4.78 16.62
N GLY A 385 14.41 -5.18 17.78
CA GLY A 385 15.72 -5.78 17.88
C GLY A 385 15.75 -7.29 17.80
N ARG A 386 14.58 -7.92 17.70
CA ARG A 386 14.45 -9.37 17.70
C ARG A 386 13.45 -9.76 16.62
N PRO A 387 13.81 -9.57 15.36
CA PRO A 387 12.82 -9.75 14.30
C PRO A 387 12.44 -11.21 14.12
N VAL A 388 11.25 -11.40 13.56
CA VAL A 388 10.73 -12.74 13.33
C VAL A 388 11.76 -13.63 12.68
N VAL A 389 12.43 -13.14 11.62
CA VAL A 389 13.33 -14.01 10.87
C VAL A 389 14.57 -14.38 11.69
N ASP A 390 14.92 -13.60 12.72
CA ASP A 390 16.02 -14.00 13.59
C ASP A 390 15.63 -15.23 14.42
N TYR A 391 14.38 -15.30 14.87
CA TYR A 391 13.87 -16.52 15.50
C TYR A 391 14.01 -17.71 14.56
N VAL A 392 13.57 -17.54 13.31
CA VAL A 392 13.62 -18.61 12.34
C VAL A 392 15.05 -19.07 12.13
N LEU A 393 15.97 -18.13 11.92
CA LEU A 393 17.33 -18.53 11.57
C LEU A 393 18.05 -19.16 12.74
N THR A 394 17.78 -18.74 13.98
CA THR A 394 18.37 -19.35 15.15
C THR A 394 17.57 -20.55 15.67
N GLN A 395 16.55 -20.96 14.92
CA GLN A 395 15.66 -22.05 15.29
C GLN A 395 15.12 -21.89 16.71
N ASN A 396 14.67 -20.68 17.01
CA ASN A 396 13.99 -20.37 18.27
C ASN A 396 12.49 -20.28 17.97
N THR A 397 11.70 -21.16 18.58
CA THR A 397 10.26 -21.18 18.32
C THR A 397 9.45 -20.50 19.41
N SER A 398 10.12 -19.88 20.38
CA SER A 398 9.45 -19.24 21.52
C SER A 398 9.11 -17.79 21.19
N PHE A 399 8.30 -17.61 20.16
CA PHE A 399 7.83 -16.28 19.80
C PHE A 399 6.99 -15.69 20.94
N PRO A 400 7.19 -14.42 21.28
CA PRO A 400 6.27 -13.76 22.21
C PRO A 400 4.85 -13.78 21.67
N PRO A 401 3.85 -13.77 22.56
CA PRO A 401 2.45 -13.87 22.09
C PRO A 401 2.05 -12.75 21.13
N GLY A 402 2.57 -11.54 21.33
CA GLY A 402 2.31 -10.37 20.51
C GLY A 402 2.85 -10.43 19.10
N TYR A 403 3.69 -11.43 18.80
CA TYR A 403 4.17 -11.60 17.44
C TYR A 403 3.10 -12.13 16.48
N ASN A 404 1.98 -12.64 17.01
CA ASN A 404 0.84 -13.02 16.18
C ASN A 404 1.25 -13.90 15.01
N ILE A 405 2.03 -14.94 15.33
CA ILE A 405 2.55 -15.84 14.31
C ILE A 405 1.45 -16.79 13.85
N VAL A 406 1.22 -16.82 12.54
CA VAL A 406 0.29 -17.73 11.90
C VAL A 406 1.09 -18.56 10.92
N GLU A 407 1.35 -19.84 11.24
CA GLU A 407 2.18 -20.68 10.38
C GLU A 407 1.43 -21.09 9.12
N VAL A 408 2.11 -21.05 7.98
CA VAL A 408 1.57 -21.53 6.71
C VAL A 408 2.62 -22.45 6.11
N ASN A 409 2.33 -23.74 6.04
CA ASN A 409 3.29 -24.72 5.60
C ASN A 409 2.84 -25.46 4.36
N GLY A 410 3.83 -25.99 3.64
CA GLY A 410 3.59 -26.78 2.45
C GLY A 410 3.85 -26.02 1.17
N ALA A 411 4.89 -26.43 0.44
CA ALA A 411 5.21 -25.75 -0.80
C ALA A 411 4.04 -25.80 -1.76
N ASP A 412 3.67 -24.63 -2.30
CA ASP A 412 2.62 -24.46 -3.31
C ASP A 412 1.24 -24.80 -2.79
N GLN A 413 1.07 -24.88 -1.47
CA GLN A 413 -0.25 -25.00 -0.89
C GLN A 413 -1.08 -23.77 -1.19
N TRP A 414 -2.38 -23.93 -1.07
CA TRP A 414 -3.31 -22.81 -1.07
C TRP A 414 -3.69 -22.51 0.37
N SER A 415 -3.63 -21.24 0.74
CA SER A 415 -3.85 -20.78 2.11
C SER A 415 -5.10 -19.91 2.09
N TYR A 416 -6.16 -20.35 2.77
CA TYR A 416 -7.45 -19.66 2.76
C TYR A 416 -7.74 -19.01 4.10
N TRP A 417 -8.39 -17.84 4.06
CA TRP A 417 -8.64 -17.06 5.26
C TRP A 417 -9.97 -16.33 5.17
N LEU A 418 -10.83 -16.62 6.13
CA LEU A 418 -12.00 -15.82 6.38
C LEU A 418 -11.61 -14.74 7.39
N ILE A 419 -11.71 -13.49 6.96
CA ILE A 419 -11.43 -12.35 7.81
C ILE A 419 -12.77 -11.75 8.22
N GLU A 420 -13.04 -11.75 9.52
CA GLU A 420 -14.31 -11.26 10.04
C GLU A 420 -14.09 -9.94 10.76
N ASN A 421 -14.98 -8.97 10.51
CA ASN A 421 -14.87 -7.65 11.12
C ASN A 421 -15.71 -7.60 12.39
N ASP A 422 -15.09 -8.04 13.48
CA ASP A 422 -15.62 -7.87 14.84
C ASP A 422 -17.08 -8.28 14.96
N PRO A 423 -17.42 -9.54 14.64
CA PRO A 423 -18.82 -9.98 14.74
C PRO A 423 -19.42 -9.66 16.10
N GLY A 424 -20.59 -9.03 16.06
CA GLY A 424 -21.34 -8.73 17.26
C GLY A 424 -20.96 -7.43 17.94
N ALA A 425 -19.92 -6.75 17.45
CA ALA A 425 -19.46 -5.52 18.08
C ALA A 425 -20.49 -4.42 17.87
N PRO A 426 -20.55 -3.45 18.79
CA PRO A 426 -21.47 -2.32 18.59
C PRO A 426 -21.05 -1.37 17.47
N PHE A 427 -19.74 -1.16 17.26
CA PHE A 427 -19.23 -0.22 16.28
C PHE A 427 -18.05 -0.87 15.57
N THR A 428 -18.04 -0.80 14.23
CA THR A 428 -16.92 -1.29 13.45
C THR A 428 -16.56 -0.27 12.36
N LEU A 429 -15.38 -0.45 11.79
CA LEU A 429 -14.85 0.44 10.77
C LEU A 429 -14.42 -0.37 9.56
N PRO A 430 -14.47 0.22 8.36
CA PRO A 430 -13.80 -0.42 7.21
C PRO A 430 -12.30 -0.50 7.43
N HIS A 431 -11.67 -1.58 6.95
CA HIS A 431 -10.23 -1.71 7.09
C HIS A 431 -9.59 -2.09 5.76
N PRO A 432 -8.58 -1.32 5.29
CA PRO A 432 -7.82 -1.76 4.12
C PRO A 432 -6.76 -2.79 4.46
N MET A 433 -7.04 -4.06 4.19
CA MET A 433 -6.16 -5.16 4.58
C MET A 433 -5.12 -5.41 3.49
N HIS A 434 -3.87 -5.57 3.91
CA HIS A 434 -2.73 -5.62 3.03
C HIS A 434 -1.84 -6.80 3.40
N LEU A 435 -1.46 -7.60 2.40
CA LEU A 435 -0.59 -8.75 2.55
C LEU A 435 0.76 -8.48 1.89
N HIS A 436 1.84 -8.61 2.67
CA HIS A 436 3.19 -8.60 2.11
C HIS A 436 3.51 -9.94 1.44
N GLY A 437 4.39 -9.89 0.44
CA GLY A 437 4.97 -11.09 -0.15
C GLY A 437 4.16 -11.80 -1.20
N HIS A 438 2.94 -11.35 -1.46
CA HIS A 438 1.98 -12.09 -2.26
C HIS A 438 0.93 -11.12 -2.78
N ASP A 439 0.37 -11.42 -3.94
CA ASP A 439 -0.99 -11.04 -4.22
C ASP A 439 -1.91 -12.09 -3.62
N PHE A 440 -3.04 -11.64 -3.10
CA PHE A 440 -4.09 -12.56 -2.69
C PHE A 440 -5.23 -12.50 -3.70
N TYR A 441 -6.12 -13.49 -3.56
CA TYR A 441 -7.32 -13.65 -4.38
C TYR A 441 -8.52 -13.41 -3.48
N VAL A 442 -9.43 -12.54 -3.92
CA VAL A 442 -10.62 -12.22 -3.15
C VAL A 442 -11.72 -13.17 -3.59
N LEU A 443 -11.96 -14.21 -2.78
CA LEU A 443 -12.94 -15.23 -3.17
C LEU A 443 -14.37 -14.74 -2.96
N GLY A 444 -14.55 -13.77 -2.08
CA GLY A 444 -15.88 -13.21 -1.87
C GLY A 444 -15.85 -12.31 -0.67
N ARG A 445 -16.97 -11.61 -0.48
CA ARG A 445 -17.10 -10.73 0.67
C ARG A 445 -18.57 -10.53 0.95
N SER A 446 -18.83 -9.99 2.13
CA SER A 446 -20.19 -9.72 2.56
C SER A 446 -20.89 -8.78 1.58
N PRO A 447 -22.22 -8.86 1.50
CA PRO A 447 -22.95 -8.00 0.55
C PRO A 447 -22.62 -6.54 0.74
N ASP A 448 -22.49 -5.83 -0.39
CA ASP A 448 -22.17 -4.42 -0.37
C ASP A 448 -23.24 -3.66 0.40
N GLU A 449 -22.81 -2.81 1.33
CA GLU A 449 -23.69 -1.97 2.13
C GLU A 449 -23.01 -0.62 2.29
N SER A 450 -23.77 0.40 2.66
CA SER A 450 -23.14 1.58 3.25
C SER A 450 -22.59 1.19 4.62
N PRO A 451 -21.33 1.52 4.94
CA PRO A 451 -20.82 1.21 6.29
C PRO A 451 -21.55 1.99 7.38
N ALA A 452 -22.33 2.99 7.03
CA ALA A 452 -23.14 3.73 7.99
C ALA A 452 -24.53 3.13 8.17
N SER A 453 -24.88 2.09 7.42
CA SER A 453 -26.22 1.49 7.47
C SER A 453 -26.43 0.65 8.72
N ASN A 454 -25.35 0.20 9.36
CA ASN A 454 -25.41 -0.68 10.52
C ASN A 454 -26.02 -2.04 10.22
N GLU A 455 -26.05 -2.43 8.95
CA GLU A 455 -26.51 -3.75 8.53
C GLU A 455 -25.39 -4.77 8.76
N ARG A 456 -25.62 -5.75 9.63
CA ARG A 456 -24.61 -6.75 9.96
C ARG A 456 -24.65 -7.93 8.99
N HIS A 457 -23.47 -8.44 8.64
CA HIS A 457 -23.36 -9.65 7.85
C HIS A 457 -22.28 -10.52 8.48
N VAL A 458 -22.68 -11.64 9.06
CA VAL A 458 -21.75 -12.60 9.64
C VAL A 458 -21.75 -13.84 8.75
N PHE A 459 -20.57 -14.25 8.33
CA PHE A 459 -20.44 -15.34 7.39
C PHE A 459 -21.11 -16.60 7.92
N ASP A 460 -22.01 -17.15 7.12
CA ASP A 460 -22.75 -18.38 7.43
C ASP A 460 -22.34 -19.41 6.37
N PRO A 461 -21.55 -20.43 6.72
CA PRO A 461 -21.00 -21.30 5.67
C PRO A 461 -22.08 -21.94 4.81
N ALA A 462 -23.20 -22.33 5.41
CA ALA A 462 -24.31 -22.85 4.62
C ALA A 462 -24.84 -21.78 3.66
N ARG A 463 -25.20 -20.62 4.19
CA ARG A 463 -25.94 -19.62 3.43
C ARG A 463 -25.06 -18.86 2.44
N ASP A 464 -23.76 -18.72 2.72
CA ASP A 464 -22.93 -17.76 2.00
C ASP A 464 -21.94 -18.39 1.02
N ALA A 465 -22.02 -19.71 0.78
CA ALA A 465 -21.13 -20.30 -0.22
C ALA A 465 -21.32 -19.65 -1.58
N GLY A 466 -22.55 -19.29 -1.94
CA GLY A 466 -22.81 -18.67 -3.22
C GLY A 466 -22.10 -17.36 -3.42
N LEU A 467 -21.74 -16.68 -2.33
CA LEU A 467 -21.00 -15.44 -2.48
C LEU A 467 -19.53 -15.69 -2.83
N LEU A 468 -19.07 -16.95 -2.82
CA LEU A 468 -17.67 -17.25 -3.05
C LEU A 468 -17.45 -17.84 -4.44
N SER A 469 -16.37 -17.43 -5.08
CA SER A 469 -16.04 -17.94 -6.40
C SER A 469 -14.54 -17.98 -6.56
N GLY A 470 -14.05 -19.04 -7.18
CA GLY A 470 -12.65 -19.15 -7.51
C GLY A 470 -12.34 -18.82 -8.95
N ALA A 471 -13.32 -18.34 -9.73
CA ALA A 471 -13.16 -18.13 -11.17
C ALA A 471 -12.56 -16.75 -11.41
N ASN A 472 -11.25 -16.72 -11.71
CA ASN A 472 -10.44 -15.53 -11.91
C ASN A 472 -10.88 -14.42 -10.96
N PRO A 473 -10.65 -14.63 -9.67
CA PRO A 473 -11.01 -13.60 -8.69
C PRO A 473 -10.16 -12.36 -8.81
N VAL A 474 -10.65 -11.27 -8.23
CA VAL A 474 -9.80 -10.12 -8.02
C VAL A 474 -8.50 -10.57 -7.37
N ARG A 475 -7.38 -10.09 -7.91
CA ARG A 475 -6.05 -10.48 -7.43
C ARG A 475 -5.26 -9.20 -7.24
N ARG A 476 -4.85 -8.91 -6.01
CA ARG A 476 -4.17 -7.65 -5.71
C ARG A 476 -3.57 -7.77 -4.31
N ASP A 477 -3.11 -6.65 -3.74
CA ASP A 477 -2.42 -6.75 -2.47
C ASP A 477 -3.01 -5.88 -1.36
N VAL A 478 -4.02 -5.06 -1.65
CA VAL A 478 -4.84 -4.38 -0.64
C VAL A 478 -6.31 -4.54 -1.05
N THR A 479 -7.17 -4.90 -0.09
CA THR A 479 -8.62 -4.88 -0.37
C THR A 479 -9.34 -4.56 0.93
N MET A 480 -10.61 -4.16 0.80
CA MET A 480 -11.38 -3.68 1.94
C MET A 480 -12.08 -4.80 2.70
N LEU A 481 -11.89 -4.77 4.03
CA LEU A 481 -12.71 -5.52 4.98
C LEU A 481 -13.94 -4.67 5.30
N PRO A 482 -15.13 -5.08 4.89
CA PRO A 482 -16.30 -4.21 5.08
C PRO A 482 -16.66 -4.04 6.55
N ALA A 483 -17.16 -2.86 6.87
CA ALA A 483 -17.79 -2.64 8.17
C ALA A 483 -18.86 -3.69 8.40
N PHE A 484 -18.85 -4.27 9.60
CA PHE A 484 -19.83 -5.26 10.04
C PHE A 484 -19.91 -6.46 9.10
N GLY A 485 -18.82 -6.77 8.41
CA GLY A 485 -18.85 -7.80 7.41
C GLY A 485 -17.62 -8.67 7.43
N TRP A 486 -17.22 -9.13 6.24
CA TRP A 486 -16.19 -10.15 6.14
C TRP A 486 -15.68 -10.20 4.71
N VAL A 487 -14.52 -10.82 4.55
CA VAL A 487 -13.95 -11.10 3.25
C VAL A 487 -13.19 -12.42 3.37
N VAL A 488 -13.23 -13.21 2.30
CA VAL A 488 -12.46 -14.45 2.21
C VAL A 488 -11.35 -14.23 1.19
N LEU A 489 -10.11 -14.47 1.62
CA LEU A 489 -8.91 -14.28 0.82
C LEU A 489 -8.20 -15.62 0.69
N ALA A 490 -7.44 -15.77 -0.39
CA ALA A 490 -6.58 -16.93 -0.51
C ALA A 490 -5.25 -16.48 -1.12
N PHE A 491 -4.19 -17.19 -0.78
CA PHE A 491 -2.92 -16.97 -1.46
C PHE A 491 -2.18 -18.30 -1.56
N ARG A 492 -1.22 -18.34 -2.48
CA ARG A 492 -0.41 -19.52 -2.72
C ARG A 492 0.87 -19.45 -1.89
N ALA A 493 1.23 -20.57 -1.24
CA ALA A 493 2.40 -20.62 -0.37
C ALA A 493 3.64 -20.89 -1.23
N ASP A 494 3.99 -19.89 -2.03
CA ASP A 494 5.04 -20.00 -3.03
C ASP A 494 6.27 -19.16 -2.69
N ASN A 495 6.38 -18.69 -1.45
CA ASN A 495 7.36 -17.66 -1.11
C ASN A 495 7.71 -17.75 0.36
N PRO A 496 8.64 -18.64 0.72
CA PRO A 496 9.04 -18.77 2.12
C PRO A 496 9.46 -17.43 2.69
N GLY A 497 8.97 -17.12 3.88
CA GLY A 497 9.23 -15.82 4.46
C GLY A 497 8.32 -15.53 5.63
N ALA A 498 8.67 -14.54 6.42
CA ALA A 498 7.78 -13.96 7.42
C ALA A 498 7.10 -12.75 6.77
N TRP A 499 5.78 -12.82 6.60
CA TRP A 499 5.02 -11.82 5.85
C TRP A 499 3.95 -11.17 6.72
N LEU A 500 4.08 -9.86 6.90
CA LEU A 500 3.06 -9.12 7.62
C LEU A 500 1.75 -9.09 6.84
N PHE A 501 0.65 -9.22 7.57
CA PHE A 501 -0.70 -9.03 7.04
C PHE A 501 -1.36 -8.08 8.00
N HIS A 502 -1.75 -6.90 7.52
CA HIS A 502 -2.19 -5.87 8.46
C HIS A 502 -3.16 -4.89 7.83
N CYS A 503 -3.88 -4.16 8.67
CA CYS A 503 -4.64 -3.02 8.19
C CYS A 503 -3.64 -1.92 7.85
N HIS A 504 -3.82 -1.29 6.69
CA HIS A 504 -2.90 -0.25 6.26
C HIS A 504 -3.24 1.14 6.81
N ILE A 505 -4.31 1.28 7.60
CA ILE A 505 -4.48 2.52 8.35
C ILE A 505 -3.41 2.56 9.42
N ALA A 506 -2.51 3.55 9.34
CA ALA A 506 -1.36 3.60 10.25
C ALA A 506 -1.77 3.53 11.71
N TRP A 507 -2.86 4.21 12.08
CA TRP A 507 -3.29 4.20 13.48
C TRP A 507 -3.70 2.80 13.95
N HIS A 508 -4.22 1.97 13.06
CA HIS A 508 -4.74 0.66 13.42
C HIS A 508 -3.62 -0.36 13.56
N VAL A 509 -2.70 -0.42 12.60
CA VAL A 509 -1.59 -1.34 12.76
C VAL A 509 -0.68 -0.90 13.91
N SER A 510 -0.48 0.42 14.08
CA SER A 510 0.19 0.91 15.28
C SER A 510 -0.46 0.38 16.55
N GLY A 511 -1.80 0.36 16.56
CA GLY A 511 -2.58 -0.06 17.70
C GLY A 511 -2.85 -1.54 17.82
N GLY A 512 -2.26 -2.38 16.96
CA GLY A 512 -2.32 -3.82 17.15
C GLY A 512 -2.91 -4.61 15.99
N LEU A 513 -3.39 -4.00 14.91
CA LEU A 513 -4.15 -4.72 13.90
C LEU A 513 -3.24 -5.34 12.84
N GLY A 514 -2.76 -6.55 13.12
CA GLY A 514 -1.93 -7.27 12.19
C GLY A 514 -1.62 -8.66 12.70
N VAL A 515 -1.12 -9.51 11.79
CA VAL A 515 -0.56 -10.80 12.11
C VAL A 515 0.66 -11.01 11.23
N VAL A 516 1.41 -12.06 11.52
CA VAL A 516 2.59 -12.44 10.74
C VAL A 516 2.33 -13.84 10.19
N TYR A 517 2.20 -13.96 8.88
CA TYR A 517 2.19 -15.27 8.26
C TYR A 517 3.64 -15.76 8.19
N LEU A 518 3.91 -16.86 8.87
CA LEU A 518 5.25 -17.45 8.86
C LEU A 518 5.16 -18.62 7.88
N GLU A 519 5.62 -18.36 6.67
CA GLU A 519 5.41 -19.22 5.52
C GLU A 519 6.65 -20.07 5.29
N ARG A 520 6.49 -21.39 5.42
CA ARG A 520 7.52 -22.36 5.08
C ARG A 520 8.85 -22.02 5.75
N ALA A 521 8.80 -21.97 7.07
CA ALA A 521 9.94 -21.47 7.84
C ALA A 521 11.18 -22.30 7.58
N ASP A 522 11.02 -23.63 7.48
CA ASP A 522 12.18 -24.48 7.25
C ASP A 522 12.80 -24.19 5.90
N ASP A 523 11.97 -23.97 4.88
CA ASP A 523 12.48 -23.61 3.56
C ASP A 523 13.16 -22.25 3.61
N LEU A 524 12.58 -21.29 4.36
CA LEU A 524 13.21 -19.98 4.50
C LEU A 524 14.61 -20.11 5.08
N ARG A 525 14.74 -20.82 6.20
CA ARG A 525 16.04 -21.00 6.81
C ARG A 525 17.03 -21.61 5.82
N GLY A 526 16.57 -22.56 5.01
CA GLY A 526 17.47 -23.22 4.07
C GLY A 526 17.88 -22.36 2.89
N ALA A 527 17.07 -21.35 2.55
CA ALA A 527 17.30 -20.54 1.37
C ALA A 527 18.06 -19.25 1.65
N VAL A 528 18.10 -18.80 2.89
CA VAL A 528 18.70 -17.50 3.20
C VAL A 528 20.21 -17.58 2.97
N SER A 529 20.72 -16.70 2.13
CA SER A 529 22.14 -16.72 1.78
C SER A 529 23.01 -16.27 2.95
N ASP A 530 24.27 -16.68 2.92
N ASP A 530 24.28 -16.68 2.90
CA ASP A 530 25.20 -16.19 3.92
CA ASP A 530 25.28 -16.21 3.87
C ASP A 530 25.20 -14.66 3.95
C ASP A 530 25.30 -14.69 3.94
N ALA A 531 25.18 -14.03 2.78
CA ALA A 531 25.20 -12.57 2.74
C ALA A 531 23.96 -11.97 3.40
N ASP A 532 22.77 -12.49 3.09
CA ASP A 532 21.57 -11.95 3.73
C ASP A 532 21.61 -12.15 5.24
N ALA A 533 22.05 -13.32 5.71
CA ALA A 533 22.15 -13.58 7.14
C ALA A 533 23.20 -12.67 7.80
N ASP A 534 24.35 -12.51 7.15
CA ASP A 534 25.36 -11.59 7.65
C ASP A 534 24.80 -10.18 7.80
N ASP A 535 24.09 -9.69 6.78
CA ASP A 535 23.60 -8.32 6.81
C ASP A 535 22.51 -8.15 7.87
N LEU A 536 21.63 -9.15 7.99
CA LEU A 536 20.63 -9.15 9.07
C LEU A 536 21.31 -9.01 10.42
N ASP A 537 22.31 -9.87 10.68
CA ASP A 537 22.96 -9.90 11.98
C ASP A 537 23.71 -8.61 12.27
N ARG A 538 24.37 -8.04 11.26
CA ARG A 538 25.17 -6.85 11.49
C ARG A 538 24.27 -5.66 11.81
N LEU A 539 23.21 -5.48 11.01
CA LEU A 539 22.30 -4.37 11.24
C LEU A 539 21.61 -4.53 12.58
N CYS A 540 21.23 -5.76 12.94
CA CYS A 540 20.59 -5.96 14.23
C CYS A 540 21.55 -5.67 15.37
N ALA A 541 22.82 -6.06 15.23
CA ALA A 541 23.79 -5.69 16.25
C ALA A 541 23.91 -4.17 16.35
N ASP A 542 23.93 -3.48 15.21
CA ASP A 542 24.06 -2.03 15.22
C ASP A 542 22.84 -1.37 15.87
N TRP A 543 21.64 -1.87 15.53
CA TRP A 543 20.42 -1.34 16.13
C TRP A 543 20.41 -1.59 17.63
N ARG A 544 20.79 -2.79 18.05
CA ARG A 544 20.71 -3.10 19.47
C ARG A 544 21.70 -2.28 20.28
N ARG A 545 22.84 -1.91 19.69
CA ARG A 545 23.79 -1.01 20.34
C ARG A 545 23.23 0.40 20.41
N TYR A 546 22.49 0.81 19.39
CA TYR A 546 21.94 2.15 19.37
C TYR A 546 20.77 2.30 20.33
N TRP A 547 19.88 1.30 20.38
CA TRP A 547 18.58 1.51 20.99
C TRP A 547 18.63 2.02 22.42
N PRO A 548 19.49 1.50 23.31
CA PRO A 548 19.48 2.01 24.69
C PRO A 548 19.85 3.47 24.80
N THR A 549 20.47 4.05 23.77
CA THR A 549 20.80 5.47 23.78
C THR A 549 19.66 6.34 23.25
N ASN A 550 18.57 5.74 22.79
CA ASN A 550 17.49 6.52 22.21
C ASN A 550 16.74 7.27 23.31
N PRO A 551 16.40 8.54 23.10
CA PRO A 551 15.70 9.28 24.17
C PRO A 551 14.22 8.98 24.27
N TYR A 552 13.65 8.22 23.34
CA TYR A 552 12.22 8.00 23.32
C TYR A 552 11.88 6.52 23.39
N PRO A 553 10.77 6.17 24.01
CA PRO A 553 10.34 4.77 24.04
C PRO A 553 9.67 4.38 22.72
N LYS A 554 9.59 3.07 22.51
CA LYS A 554 8.72 2.53 21.47
C LYS A 554 7.29 2.75 21.91
N SER A 555 6.48 3.40 21.07
CA SER A 555 5.18 3.90 21.51
C SER A 555 4.03 2.96 21.18
N ASP A 556 4.26 1.93 20.38
CA ASP A 556 3.15 1.18 19.79
C ASP A 556 3.67 -0.18 19.33
N SER A 557 2.95 -0.78 18.38
CA SER A 557 3.32 -2.11 17.91
C SER A 557 4.71 -2.13 17.29
N GLY A 558 5.18 -0.99 16.78
CA GLY A 558 6.40 -0.91 16.02
C GLY A 558 6.20 -0.94 14.53
N LEU A 559 4.97 -1.14 14.06
CA LEU A 559 4.70 -1.34 12.64
C LEU A 559 3.79 -0.26 12.07
#